data_1IGC
#
_entry.id   1IGC
#
_cell.length_a   64.500
_cell.length_b   70.500
_cell.length_c   120.100
_cell.angle_alpha   90.00
_cell.angle_beta   90.00
_cell.angle_gamma   90.00
#
_symmetry.space_group_name_H-M   'P 21 21 21'
#
loop_
_entity.id
_entity.type
_entity.pdbx_description
1 polymer 'IGG1-KAPPA MOPC21 FAB (LIGHT CHAIN)'
2 polymer 'IGG1-KAPPA MOPC21 FAB (HEAVY CHAIN)'
3 polymer 'STREPTOCOCCAL PROTEIN G (DOMAIN III)'
4 water water
#
loop_
_entity_poly.entity_id
_entity_poly.type
_entity_poly.pdbx_seq_one_letter_code
_entity_poly.pdbx_strand_id
1 'polypeptide(L)'
;NIVMTQSPKSMSMSVGERVTLTCKASENVVTYVSWYQQKPEQSPKLLIYGASNRYTGVPDRFTGSGSATDFTLTISSVQA
EDLADYHCGQGNSYPYTFGGGTKLEIKRADAAPTVSIFPPSSEQLTSGGASVVCFLNNFYPKDINVKWKIDSERQNGVLN
SWTDQDSKDSTYSMSSTLTLTKDEYERHNSYTCEATHKTSTSPIVKSFNRNEC
;
L
2 'polypeptide(L)'
;DVQLVESGGGLVQPGGSRKLSCAASGFTFSSFGMHWVRQAPEKGLEWVAYISSGSSTLHYADTVKGRFTISRDNPKNTLF
LQMTSLRSEDTGMYYCARWGNYPYYAMDYWGQGTSVTVSSAKTTPPSVYPLAPGSAAQTNSMVTLGCLVKGYFPEPVTVT
WNSGSLSSGVHTFPAVLQSDLYTLSSSVTVPSSPRPSETVTCNVAHPASSTKVDKKIVPRDC
;
H
3 'polypeptide(L)' MTPAVTTYKLVINGKTLKGETTTKAVDAETAEKAFKQYANDNGVDGVWTYDDATKTFTVTE A
#
# COMPACT_ATOMS: atom_id res chain seq x y z
N ASN A 1 24.63 -3.94 -22.27
CA ASN A 1 23.38 -4.04 -21.49
C ASN A 1 22.42 -2.96 -22.07
N ILE A 2 21.32 -3.37 -22.65
CA ILE A 2 20.41 -2.34 -23.23
C ILE A 2 19.83 -1.42 -22.16
N VAL A 3 19.72 -0.17 -22.58
CA VAL A 3 19.18 0.89 -21.72
C VAL A 3 17.98 1.54 -22.44
N MET A 4 16.87 1.44 -21.79
CA MET A 4 15.52 1.87 -22.00
C MET A 4 15.31 3.19 -21.23
N THR A 5 15.04 4.19 -22.02
CA THR A 5 14.82 5.59 -21.70
C THR A 5 13.43 6.09 -22.02
N GLN A 6 12.65 6.30 -20.96
CA GLN A 6 11.27 6.76 -21.06
C GLN A 6 11.13 8.26 -20.82
N SER A 7 10.39 8.93 -21.69
CA SER A 7 10.05 10.35 -21.79
C SER A 7 8.58 10.49 -22.19
N PRO A 8 7.83 11.45 -21.70
CA PRO A 8 8.26 12.51 -20.83
C PRO A 8 8.70 12.24 -19.40
N LYS A 9 7.95 11.39 -18.72
CA LYS A 9 8.27 11.17 -17.29
C LYS A 9 7.05 11.46 -16.39
N SER A 10 6.25 12.42 -16.81
CA SER A 10 5.01 12.88 -16.21
C SER A 10 4.26 13.68 -17.28
N MET A 11 2.96 13.68 -17.19
CA MET A 11 2.13 14.42 -18.17
C MET A 11 0.71 14.29 -17.62
N SER A 12 -0.07 15.34 -17.68
CA SER A 12 -1.42 15.49 -17.22
C SER A 12 -2.26 15.83 -18.48
N MET A 13 -3.31 15.09 -18.65
CA MET A 13 -4.18 15.27 -19.80
C MET A 13 -5.67 15.23 -19.48
N SER A 14 -6.40 16.20 -19.97
CA SER A 14 -7.87 16.14 -19.75
C SER A 14 -8.32 14.94 -20.58
N VAL A 15 -9.44 14.40 -20.18
CA VAL A 15 -10.06 13.23 -20.82
C VAL A 15 -10.61 13.47 -22.23
N GLY A 16 -10.39 12.45 -23.07
CA GLY A 16 -10.88 12.51 -24.47
C GLY A 16 -9.80 13.07 -25.38
N GLU A 17 -8.66 13.38 -24.79
CA GLU A 17 -7.54 13.93 -25.55
C GLU A 17 -6.44 12.93 -25.84
N ARG A 18 -5.66 13.20 -26.87
CA ARG A 18 -4.56 12.25 -27.18
C ARG A 18 -3.30 12.55 -26.39
N VAL A 19 -2.55 11.50 -26.17
CA VAL A 19 -1.27 11.60 -25.42
C VAL A 19 -0.31 10.68 -26.14
N THR A 20 0.95 10.92 -26.14
CA THR A 20 1.98 10.03 -26.77
C THR A 20 3.14 9.67 -25.84
N LEU A 21 3.57 8.40 -25.78
CA LEU A 21 4.70 8.07 -24.84
C LEU A 21 5.85 7.44 -25.65
N THR A 22 7.07 7.83 -25.31
CA THR A 22 8.32 7.40 -25.93
C THR A 22 9.24 6.51 -25.11
N CYS A 23 9.72 5.51 -25.80
CA CYS A 23 10.62 4.46 -25.23
C CYS A 23 11.75 4.44 -26.27
N LYS A 24 12.96 4.51 -25.80
CA LYS A 24 14.19 4.56 -26.56
C LYS A 24 15.20 3.53 -26.06
N ALA A 25 15.55 2.62 -26.93
CA ALA A 25 16.53 1.58 -26.58
C ALA A 25 17.88 2.24 -26.90
N SER A 26 18.82 1.71 -26.16
CA SER A 26 20.22 2.09 -26.21
C SER A 26 20.85 1.50 -27.50
N GLU A 27 20.29 0.41 -27.98
CA GLU A 27 20.73 -0.28 -29.19
C GLU A 27 19.57 -1.13 -29.70
N ASN A 28 19.60 -1.61 -30.92
CA ASN A 28 18.51 -2.44 -31.47
C ASN A 28 17.91 -3.54 -30.59
N VAL A 29 16.58 -3.55 -30.52
CA VAL A 29 15.81 -4.58 -29.80
C VAL A 29 14.73 -5.06 -30.76
N VAL A 30 14.85 -4.72 -32.04
CA VAL A 30 13.85 -5.10 -33.17
C VAL A 30 12.50 -4.73 -32.57
N THR A 31 11.63 -5.70 -32.48
CA THR A 31 10.28 -5.31 -31.94
C THR A 31 10.07 -5.92 -30.58
N TYR A 32 11.11 -6.26 -29.85
CA TYR A 32 10.85 -6.88 -28.52
C TYR A 32 10.65 -5.92 -27.36
N VAL A 33 9.75 -4.98 -27.50
CA VAL A 33 9.50 -3.97 -26.46
C VAL A 33 8.03 -4.18 -26.05
N SER A 34 7.80 -4.31 -24.76
CA SER A 34 6.41 -4.44 -24.30
C SER A 34 6.19 -3.25 -23.35
N TRP A 35 4.96 -2.89 -23.13
CA TRP A 35 4.56 -1.82 -22.21
C TRP A 35 3.67 -2.48 -21.13
N TYR A 36 3.86 -2.05 -19.89
CA TYR A 36 3.02 -2.58 -18.80
C TYR A 36 2.27 -1.43 -18.15
N GLN A 37 1.11 -1.64 -17.53
CA GLN A 37 0.35 -0.57 -16.84
C GLN A 37 0.23 -1.04 -15.37
N GLN A 38 0.60 -0.09 -14.54
CA GLN A 38 0.58 -0.29 -13.09
C GLN A 38 -0.30 0.79 -12.50
N LYS A 39 -1.59 0.47 -12.37
CA LYS A 39 -2.56 1.43 -11.79
C LYS A 39 -2.17 1.61 -10.32
N PRO A 40 -2.50 2.76 -9.82
CA PRO A 40 -2.14 3.11 -8.41
C PRO A 40 -2.33 1.85 -7.57
N GLU A 41 -1.14 1.44 -7.18
CA GLU A 41 -0.70 0.27 -6.45
C GLU A 41 -1.70 -0.89 -6.51
N GLN A 42 -1.31 -1.57 -7.58
CA GLN A 42 -1.67 -2.80 -8.27
C GLN A 42 -0.34 -3.33 -8.84
N SER A 43 -0.20 -4.63 -9.12
CA SER A 43 1.16 -4.97 -9.69
C SER A 43 0.96 -4.59 -11.17
N PRO A 44 1.99 -4.58 -11.96
CA PRO A 44 1.89 -4.23 -13.40
C PRO A 44 1.11 -5.23 -14.24
N LYS A 45 0.37 -4.75 -15.23
CA LYS A 45 -0.39 -5.66 -16.13
C LYS A 45 0.31 -5.62 -17.50
N LEU A 46 0.31 -6.65 -18.32
CA LEU A 46 0.94 -6.55 -19.64
C LEU A 46 -0.02 -5.62 -20.39
N LEU A 47 0.48 -4.77 -21.26
CA LEU A 47 -0.44 -3.86 -21.99
C LEU A 47 -0.34 -4.02 -23.51
N ILE A 48 0.88 -3.94 -23.97
CA ILE A 48 1.28 -3.98 -25.38
C ILE A 48 2.39 -5.01 -25.43
N TYR A 49 2.40 -5.97 -26.33
CA TYR A 49 3.58 -6.90 -26.25
C TYR A 49 4.10 -6.88 -27.68
N GLY A 50 5.27 -7.37 -28.05
CA GLY A 50 5.76 -7.27 -29.49
C GLY A 50 5.92 -5.75 -29.58
N ALA A 51 5.79 -4.91 -30.57
CA ALA A 51 5.98 -3.48 -30.04
C ALA A 51 4.59 -2.85 -30.22
N SER A 52 3.79 -3.60 -30.97
CA SER A 52 2.47 -3.22 -31.44
C SER A 52 1.25 -4.06 -31.22
N ASN A 53 1.23 -5.04 -30.34
CA ASN A 53 0.03 -5.87 -30.18
C ASN A 53 -0.71 -5.46 -28.92
N ARG A 54 -2.02 -5.51 -28.90
CA ARG A 54 -2.72 -5.18 -27.65
C ARG A 54 -2.88 -6.51 -26.91
N TYR A 55 -2.81 -6.51 -25.60
CA TYR A 55 -2.98 -7.75 -24.81
C TYR A 55 -4.43 -7.95 -24.35
N THR A 56 -4.70 -8.96 -23.55
CA THR A 56 -6.12 -9.19 -23.13
C THR A 56 -6.72 -8.00 -22.41
N GLY A 57 -7.82 -7.47 -22.96
CA GLY A 57 -8.59 -6.35 -22.52
C GLY A 57 -8.21 -4.92 -22.83
N VAL A 58 -7.40 -4.68 -23.84
CA VAL A 58 -6.97 -3.31 -24.22
C VAL A 58 -7.72 -2.93 -25.52
N PRO A 59 -8.40 -1.79 -25.40
CA PRO A 59 -9.23 -1.28 -26.50
C PRO A 59 -8.37 -0.54 -27.51
N ASP A 60 -8.75 -0.56 -28.77
CA ASP A 60 -8.02 0.06 -29.87
C ASP A 60 -7.74 1.56 -29.64
N ARG A 61 -8.00 2.08 -28.44
CA ARG A 61 -7.70 3.49 -28.17
C ARG A 61 -6.15 3.51 -27.95
N PHE A 62 -5.76 2.38 -27.40
CA PHE A 62 -4.32 2.17 -27.11
C PHE A 62 -3.82 1.71 -28.47
N THR A 63 -2.62 2.14 -28.74
CA THR A 63 -1.86 1.82 -29.94
C THR A 63 -0.36 1.84 -29.71
N GLY A 64 0.34 0.73 -29.91
CA GLY A 64 1.82 0.79 -29.66
C GLY A 64 2.54 0.70 -31.01
N SER A 65 3.68 1.37 -31.19
CA SER A 65 4.40 1.32 -32.48
C SER A 65 5.89 1.52 -32.15
N GLY A 66 6.70 1.12 -33.12
CA GLY A 66 8.15 1.23 -32.89
C GLY A 66 8.81 0.08 -33.67
N SER A 67 10.12 0.19 -33.79
CA SER A 67 10.93 -0.75 -34.55
C SER A 67 12.23 -1.30 -34.01
N ALA A 68 13.28 -0.48 -33.88
CA ALA A 68 14.53 -1.13 -33.38
C ALA A 68 15.08 -0.40 -32.16
N THR A 69 14.92 0.91 -32.29
CA THR A 69 15.41 1.80 -31.23
C THR A 69 14.35 2.72 -30.63
N ASP A 70 13.32 3.12 -31.34
CA ASP A 70 12.27 4.06 -30.88
C ASP A 70 10.87 3.49 -30.81
N PHE A 71 10.29 3.49 -29.62
CA PHE A 71 8.92 2.93 -29.47
C PHE A 71 8.06 4.08 -28.98
N THR A 72 6.76 3.98 -29.18
CA THR A 72 5.80 5.01 -28.72
C THR A 72 4.50 4.24 -28.41
N LEU A 73 3.73 4.70 -27.46
CA LEU A 73 2.43 4.23 -27.00
C LEU A 73 1.51 5.45 -27.17
N THR A 74 0.39 5.31 -27.86
CA THR A 74 -0.50 6.44 -28.10
C THR A 74 -1.88 6.32 -27.49
N ILE A 75 -2.25 7.02 -26.43
CA ILE A 75 -3.66 6.91 -25.91
C ILE A 75 -4.38 7.92 -26.83
N SER A 76 -5.25 7.48 -27.70
CA SER A 76 -5.93 8.42 -28.61
C SER A 76 -7.03 9.15 -27.86
N SER A 77 -7.52 8.53 -26.80
CA SER A 77 -8.59 9.17 -25.99
C SER A 77 -8.22 8.81 -24.55
N VAL A 78 -7.64 9.78 -23.87
CA VAL A 78 -7.24 9.56 -22.47
C VAL A 78 -8.57 9.36 -21.74
N GLN A 79 -8.50 8.60 -20.67
CA GLN A 79 -9.69 8.33 -19.85
C GLN A 79 -9.33 8.22 -18.38
N ALA A 80 -10.35 8.18 -17.54
CA ALA A 80 -10.12 8.03 -16.08
C ALA A 80 -9.56 6.62 -15.87
N GLU A 81 -10.03 5.61 -16.60
CA GLU A 81 -9.45 4.27 -16.49
C GLU A 81 -7.92 4.45 -16.52
N ASP A 82 -7.33 4.85 -17.63
CA ASP A 82 -5.91 5.01 -17.90
C ASP A 82 -5.01 5.66 -16.85
N LEU A 83 -5.48 5.91 -15.67
CA LEU A 83 -4.64 6.54 -14.60
C LEU A 83 -3.62 5.52 -14.12
N ALA A 84 -2.36 5.79 -14.47
CA ALA A 84 -1.29 4.87 -14.11
C ALA A 84 0.07 5.30 -14.57
N ASP A 85 0.97 4.37 -14.32
CA ASP A 85 2.39 4.40 -14.73
C ASP A 85 2.53 3.40 -15.91
N TYR A 86 3.36 3.72 -16.87
CA TYR A 86 3.65 2.89 -18.06
C TYR A 86 5.17 2.69 -18.12
N HIS A 87 5.43 1.41 -17.87
CA HIS A 87 6.84 0.96 -17.90
C HIS A 87 7.01 0.25 -19.24
N CYS A 88 8.23 0.34 -19.71
CA CYS A 88 8.63 -0.27 -20.97
C CYS A 88 9.88 -1.11 -20.73
N GLY A 89 9.73 -2.26 -21.39
CA GLY A 89 10.79 -3.27 -21.36
C GLY A 89 11.10 -3.81 -22.77
N GLN A 90 12.34 -4.29 -22.80
CA GLN A 90 12.93 -4.93 -23.99
C GLN A 90 13.30 -6.32 -23.49
N GLY A 91 12.87 -7.34 -24.18
CA GLY A 91 13.11 -8.77 -23.92
C GLY A 91 13.81 -9.35 -25.17
N ASN A 92 14.73 -8.57 -25.76
CA ASN A 92 15.53 -8.94 -26.92
C ASN A 92 16.70 -9.80 -26.34
N SER A 93 17.33 -9.14 -25.39
CA SER A 93 18.52 -9.71 -24.74
C SER A 93 18.75 -9.31 -23.30
N TYR A 94 19.30 -10.25 -22.53
CA TYR A 94 19.68 -10.19 -21.13
C TYR A 94 21.01 -9.45 -20.85
N PRO A 95 21.02 -8.67 -19.78
CA PRO A 95 19.93 -8.40 -18.84
C PRO A 95 18.70 -7.68 -19.41
N TYR A 96 17.48 -8.07 -19.13
CA TYR A 96 16.17 -7.57 -19.49
C TYR A 96 16.07 -6.24 -18.71
N THR A 97 15.78 -5.17 -19.42
CA THR A 97 15.73 -3.91 -18.71
C THR A 97 14.40 -3.19 -18.88
N PHE A 98 14.10 -2.39 -17.89
CA PHE A 98 12.86 -1.59 -18.02
C PHE A 98 13.37 -0.14 -18.10
N GLY A 99 12.46 0.69 -18.53
CA GLY A 99 12.66 2.15 -18.62
C GLY A 99 12.26 2.62 -17.19
N GLY A 100 12.15 3.91 -16.96
CA GLY A 100 11.81 4.54 -15.69
C GLY A 100 10.34 4.71 -15.32
N GLY A 101 9.49 4.60 -16.32
CA GLY A 101 8.04 4.71 -16.10
C GLY A 101 7.65 6.13 -16.53
N THR A 102 6.41 6.31 -16.90
CA THR A 102 5.81 7.59 -17.28
C THR A 102 4.50 7.53 -16.45
N LYS A 103 4.28 8.57 -15.70
CA LYS A 103 3.08 8.74 -14.87
C LYS A 103 2.13 9.55 -15.76
N LEU A 104 0.89 9.15 -15.70
CA LEU A 104 -0.13 9.89 -16.46
C LEU A 104 -1.15 10.35 -15.42
N GLU A 105 -1.23 11.65 -15.24
CA GLU A 105 -2.14 12.36 -14.32
C GLU A 105 -3.33 12.84 -15.14
N ILE A 106 -4.56 12.73 -14.67
CA ILE A 106 -5.78 13.13 -15.36
C ILE A 106 -6.08 14.60 -15.07
N LYS A 107 -6.18 15.46 -16.06
CA LYS A 107 -6.49 16.87 -15.76
C LYS A 107 -8.03 16.88 -15.74
N ARG A 108 -8.48 17.81 -14.91
CA ARG A 108 -9.95 17.90 -14.75
C ARG A 108 -10.44 19.12 -14.01
N ALA A 109 -11.75 19.15 -13.89
CA ALA A 109 -12.54 20.21 -13.25
C ALA A 109 -12.16 20.29 -11.77
N ASP A 110 -12.08 21.50 -11.22
CA ASP A 110 -11.76 21.67 -9.79
C ASP A 110 -13.00 21.10 -9.05
N ALA A 111 -12.74 20.73 -7.82
CA ALA A 111 -13.69 20.14 -6.87
C ALA A 111 -13.16 20.41 -5.46
N ALA A 112 -14.03 21.04 -4.68
CA ALA A 112 -13.78 21.44 -3.29
C ALA A 112 -13.87 20.20 -2.41
N PRO A 113 -13.14 20.29 -1.30
CA PRO A 113 -13.04 19.17 -0.36
C PRO A 113 -14.07 18.91 0.70
N THR A 114 -13.99 17.69 1.25
CA THR A 114 -14.92 17.34 2.37
C THR A 114 -14.00 17.17 3.58
N VAL A 115 -14.02 18.18 4.45
CA VAL A 115 -13.21 18.19 5.67
C VAL A 115 -14.05 17.70 6.87
N SER A 116 -13.48 16.69 7.49
CA SER A 116 -14.00 16.02 8.68
C SER A 116 -12.88 16.03 9.74
N ILE A 117 -13.24 16.26 10.98
CA ILE A 117 -12.17 16.19 12.02
C ILE A 117 -12.66 15.07 12.95
N PHE A 118 -11.73 14.42 13.62
CA PHE A 118 -12.15 13.30 14.51
C PHE A 118 -11.25 13.49 15.74
N PRO A 119 -11.87 13.46 16.90
CA PRO A 119 -11.21 13.60 18.20
C PRO A 119 -10.57 12.28 18.63
N PRO A 120 -9.52 12.37 19.45
CA PRO A 120 -8.81 11.18 19.95
C PRO A 120 -9.76 10.18 20.60
N SER A 121 -9.38 8.92 20.44
CA SER A 121 -10.05 7.73 20.95
C SER A 121 -9.88 7.56 22.44
N SER A 122 -10.87 6.95 23.08
CA SER A 122 -10.71 6.64 24.52
C SER A 122 -9.42 5.80 24.63
N GLU A 123 -9.23 4.81 23.75
CA GLU A 123 -8.11 3.86 23.68
C GLU A 123 -6.75 4.51 23.53
N GLN A 124 -6.80 5.53 22.67
CA GLN A 124 -5.62 6.34 22.36
C GLN A 124 -5.07 6.95 23.66
N LEU A 125 -5.94 7.60 24.40
CA LEU A 125 -5.75 8.26 25.70
C LEU A 125 -5.33 7.25 26.77
N THR A 126 -6.05 6.13 26.81
CA THR A 126 -5.69 5.06 27.76
C THR A 126 -4.16 4.94 27.83
N SER A 127 -3.51 5.01 26.66
CA SER A 127 -2.05 4.92 26.53
C SER A 127 -1.32 6.27 26.70
N GLY A 128 -2.02 7.38 26.87
CA GLY A 128 -1.45 8.71 27.09
C GLY A 128 -1.11 9.58 25.90
N GLY A 129 -1.68 9.19 24.77
CA GLY A 129 -1.44 9.93 23.53
C GLY A 129 -2.81 10.42 23.04
N ALA A 130 -2.75 11.53 22.30
CA ALA A 130 -3.97 12.12 21.74
C ALA A 130 -3.60 12.49 20.29
N SER A 131 -4.22 11.80 19.35
CA SER A 131 -4.01 12.02 17.92
C SER A 131 -5.30 12.59 17.30
N VAL A 132 -5.24 13.88 16.97
CA VAL A 132 -6.36 14.58 16.32
C VAL A 132 -6.10 14.40 14.81
N VAL A 133 -7.13 14.11 14.04
CA VAL A 133 -7.20 13.82 12.62
C VAL A 133 -8.23 14.63 11.85
N CYS A 134 -7.86 15.04 10.65
CA CYS A 134 -8.82 15.75 9.77
C CYS A 134 -8.65 15.12 8.39
N PHE A 135 -9.74 14.75 7.75
CA PHE A 135 -9.71 14.18 6.39
C PHE A 135 -10.27 15.18 5.36
N LEU A 136 -9.47 15.70 4.44
CA LEU A 136 -9.92 16.64 3.39
C LEU A 136 -10.06 15.74 2.15
N ASN A 137 -11.29 15.54 1.74
CA ASN A 137 -11.47 14.62 0.62
C ASN A 137 -12.25 15.14 -0.60
N ASN A 138 -11.73 14.54 -1.65
CA ASN A 138 -12.03 14.52 -3.06
C ASN A 138 -11.88 15.90 -3.67
N PHE A 139 -10.69 16.47 -3.64
CA PHE A 139 -10.60 17.85 -4.19
C PHE A 139 -10.23 17.91 -5.67
N TYR A 140 -9.20 18.71 -5.94
CA TYR A 140 -8.80 18.86 -7.32
C TYR A 140 -8.72 20.41 -7.55
N PRO A 141 -7.43 20.54 -7.68
CA PRO A 141 -6.05 20.75 -7.85
C PRO A 141 -5.53 20.14 -6.49
N LYS A 142 -4.42 19.45 -6.63
CA LYS A 142 -3.78 18.83 -5.46
C LYS A 142 -3.21 19.86 -4.50
N ASP A 143 -3.30 21.14 -4.84
CA ASP A 143 -2.76 22.26 -4.04
C ASP A 143 -3.82 22.59 -3.00
N ILE A 144 -3.41 22.53 -1.76
CA ILE A 144 -4.30 22.79 -0.61
C ILE A 144 -3.40 23.05 0.59
N ASN A 145 -3.94 23.83 1.51
CA ASN A 145 -3.22 24.21 2.74
C ASN A 145 -4.12 23.98 3.96
N VAL A 146 -3.59 23.14 4.84
CA VAL A 146 -4.32 22.84 6.09
C VAL A 146 -3.58 23.59 7.22
N LYS A 147 -4.39 24.20 8.06
CA LYS A 147 -3.79 24.94 9.20
C LYS A 147 -4.49 24.41 10.46
N TRP A 148 -3.68 24.04 11.43
CA TRP A 148 -4.11 23.50 12.72
C TRP A 148 -3.90 24.59 13.80
N LYS A 149 -5.02 25.09 14.24
CA LYS A 149 -5.08 26.11 15.32
C LYS A 149 -5.81 25.44 16.50
N ILE A 150 -5.02 25.17 17.52
CA ILE A 150 -5.25 24.55 18.81
C ILE A 150 -6.52 25.00 19.53
N ASP A 151 -6.50 26.14 20.17
CA ASP A 151 -7.66 26.74 20.89
C ASP A 151 -8.25 27.59 19.73
N SER A 152 -7.36 28.42 19.21
CA SER A 152 -7.50 29.27 18.04
C SER A 152 -6.12 29.94 17.78
N GLU A 153 -5.17 29.08 18.05
CA GLU A 153 -3.71 29.18 17.94
C GLU A 153 -3.07 27.89 17.44
N ARG A 154 -2.28 27.95 16.42
CA ARG A 154 -1.46 27.21 15.52
C ARG A 154 -0.15 26.47 15.74
N GLN A 155 0.10 25.33 15.06
CA GLN A 155 1.32 24.52 15.21
C GLN A 155 2.31 24.02 14.15
N ASN A 156 2.88 22.85 14.46
CA ASN A 156 3.89 22.06 13.73
C ASN A 156 3.97 20.54 13.92
N GLY A 157 3.37 19.86 14.89
CA GLY A 157 3.44 18.39 15.05
C GLY A 157 2.40 17.68 14.17
N VAL A 158 2.11 18.25 13.03
CA VAL A 158 1.17 17.77 12.00
C VAL A 158 2.01 16.75 11.21
N LEU A 159 1.34 15.96 10.43
CA LEU A 159 1.90 14.90 9.57
C LEU A 159 0.85 14.71 8.48
N ASN A 160 1.13 15.21 7.28
CA ASN A 160 0.12 15.11 6.18
C ASN A 160 0.33 13.97 5.20
N SER A 161 -0.71 13.63 4.45
CA SER A 161 -0.59 12.55 3.45
C SER A 161 -1.54 12.82 2.30
N TRP A 162 -1.09 12.36 1.14
CA TRP A 162 -1.88 12.58 -0.09
C TRP A 162 -2.03 11.28 -0.85
N THR A 163 -3.16 11.19 -1.48
CA THR A 163 -3.59 10.06 -2.29
C THR A 163 -3.09 10.12 -3.71
N ASP A 164 -3.30 9.05 -4.47
CA ASP A 164 -2.94 9.14 -5.93
C ASP A 164 -4.33 9.57 -6.44
N GLN A 165 -4.57 9.99 -7.66
CA GLN A 165 -5.91 10.44 -8.03
C GLN A 165 -6.94 9.33 -7.92
N ASP A 166 -8.15 9.66 -7.44
CA ASP A 166 -9.08 8.49 -7.46
C ASP A 166 -9.07 8.27 -9.00
N SER A 167 -9.10 7.00 -9.33
CA SER A 167 -9.07 6.53 -10.71
C SER A 167 -10.39 6.79 -11.43
N LYS A 168 -11.53 6.63 -10.81
CA LYS A 168 -12.86 6.83 -11.41
C LYS A 168 -13.23 8.30 -11.62
N ASP A 169 -13.17 9.03 -10.52
CA ASP A 169 -13.48 10.47 -10.40
C ASP A 169 -12.19 11.18 -10.01
N SER A 170 -11.29 11.31 -10.96
CA SER A 170 -9.96 11.92 -10.94
C SER A 170 -9.57 12.92 -9.87
N THR A 171 -9.98 12.70 -8.63
CA THR A 171 -9.66 13.55 -7.49
C THR A 171 -8.61 12.91 -6.58
N TYR A 172 -8.12 13.70 -5.68
CA TYR A 172 -7.19 13.51 -4.60
C TYR A 172 -7.79 13.66 -3.19
N SER A 173 -7.05 13.16 -2.20
CA SER A 173 -7.65 13.33 -0.83
C SER A 173 -6.42 13.54 0.07
N MET A 174 -6.72 14.04 1.26
CA MET A 174 -5.57 14.33 2.15
C MET A 174 -5.91 13.98 3.58
N SER A 175 -4.92 13.85 4.43
CA SER A 175 -5.16 13.55 5.85
C SER A 175 -4.12 14.22 6.76
N SER A 176 -4.49 15.26 7.52
CA SER A 176 -3.40 15.83 8.40
C SER A 176 -3.74 15.27 9.79
N THR A 177 -2.68 15.00 10.51
CA THR A 177 -2.78 14.40 11.83
C THR A 177 -1.99 15.22 12.82
N LEU A 178 -2.72 15.69 13.82
CA LEU A 178 -2.11 16.47 14.91
C LEU A 178 -2.17 15.45 16.07
N THR A 179 -0.99 15.32 16.61
CA THR A 179 -0.69 14.43 17.73
C THR A 179 0.07 15.19 18.81
N LEU A 180 -0.62 15.41 19.91
CA LEU A 180 -0.13 16.06 21.14
C LEU A 180 -0.19 14.97 22.22
N THR A 181 0.25 15.26 23.44
CA THR A 181 0.16 14.22 24.47
C THR A 181 -1.23 14.32 25.14
N LYS A 182 -1.29 13.38 26.09
CA LYS A 182 -2.60 13.29 26.81
C LYS A 182 -2.69 14.67 27.44
N ASP A 183 -1.76 14.89 28.33
CA ASP A 183 -1.52 16.08 29.15
C ASP A 183 -0.79 17.08 28.25
N GLU A 184 -1.62 17.60 27.35
CA GLU A 184 -1.12 18.56 26.34
C GLU A 184 -2.40 18.96 25.63
N TYR A 185 -2.96 17.94 25.04
CA TYR A 185 -4.25 17.99 24.35
C TYR A 185 -5.23 18.51 25.38
N GLU A 186 -4.85 17.98 26.54
CA GLU A 186 -5.48 18.10 27.84
C GLU A 186 -5.61 19.54 28.30
N ARG A 187 -4.44 20.08 28.64
CA ARG A 187 -4.43 21.49 29.06
C ARG A 187 -4.81 22.41 27.89
N HIS A 188 -5.68 22.06 26.96
CA HIS A 188 -6.10 22.92 25.82
C HIS A 188 -7.56 22.63 25.48
N ASN A 189 -8.28 23.30 24.58
CA ASN A 189 -9.72 22.85 24.43
C ASN A 189 -10.43 22.97 23.10
N SER A 190 -10.45 24.01 22.27
CA SER A 190 -11.24 23.95 20.99
C SER A 190 -10.19 23.40 20.02
N TYR A 191 -10.57 22.66 18.99
CA TYR A 191 -9.48 22.11 18.11
C TYR A 191 -9.89 22.30 16.67
N THR A 192 -9.21 23.13 15.91
CA THR A 192 -9.67 23.35 14.50
C THR A 192 -8.73 22.94 13.39
N CYS A 193 -9.37 22.67 12.27
CA CYS A 193 -8.73 22.24 11.03
C CYS A 193 -9.01 23.27 9.96
N GLU A 194 -8.09 24.05 9.48
CA GLU A 194 -8.48 25.07 8.45
C GLU A 194 -7.90 24.79 7.08
N ALA A 195 -8.77 24.90 6.09
CA ALA A 195 -8.34 24.62 4.72
C ALA A 195 -8.88 25.41 3.55
N THR A 196 -8.01 26.22 2.96
CA THR A 196 -8.40 26.98 1.77
C THR A 196 -7.82 26.14 0.58
N HIS A 197 -8.60 26.21 -0.46
CA HIS A 197 -8.46 25.59 -1.77
C HIS A 197 -9.16 26.57 -2.70
N LYS A 198 -8.58 26.85 -3.84
CA LYS A 198 -9.04 27.75 -4.88
C LYS A 198 -10.46 27.55 -5.39
N THR A 199 -11.24 26.81 -4.63
CA THR A 199 -12.65 26.55 -4.95
C THR A 199 -13.45 27.46 -3.98
N SER A 200 -12.71 27.89 -2.96
CA SER A 200 -13.14 28.72 -1.85
C SER A 200 -12.12 29.80 -1.43
N THR A 201 -12.64 31.01 -1.38
CA THR A 201 -11.92 32.23 -1.00
C THR A 201 -11.61 32.25 0.51
N SER A 202 -12.65 31.79 1.17
CA SER A 202 -12.96 31.52 2.54
C SER A 202 -12.52 30.12 2.97
N PRO A 203 -11.52 30.02 3.83
CA PRO A 203 -11.06 28.71 4.28
C PRO A 203 -12.23 27.82 4.64
N ILE A 204 -11.98 26.52 4.40
CA ILE A 204 -13.04 25.57 4.81
C ILE A 204 -12.52 25.37 6.26
N VAL A 205 -13.37 25.03 7.20
CA VAL A 205 -12.82 24.93 8.58
C VAL A 205 -13.57 23.91 9.42
N LYS A 206 -12.81 23.04 10.05
CA LYS A 206 -13.27 21.97 10.95
C LYS A 206 -12.89 22.29 12.40
N SER A 207 -13.90 22.34 13.23
CA SER A 207 -14.26 22.63 14.59
C SER A 207 -13.68 22.01 15.85
N PHE A 208 -14.43 21.34 16.68
CA PHE A 208 -14.52 20.59 17.90
C PHE A 208 -13.89 21.02 19.23
N ASN A 209 -14.77 21.44 20.15
CA ASN A 209 -14.36 21.83 21.54
C ASN A 209 -14.69 20.56 22.37
N ARG A 210 -13.71 19.93 23.00
CA ARG A 210 -13.84 18.72 23.81
C ARG A 210 -15.01 18.58 24.79
N ASN A 211 -15.96 17.79 24.38
CA ASN A 211 -17.16 17.52 25.21
C ASN A 211 -17.01 16.10 25.75
N GLU A 212 -16.10 15.77 26.65
CA GLU A 212 -15.94 14.38 27.11
C GLU A 212 -16.88 13.72 28.11
N CYS A 213 -17.82 13.01 27.48
CA CYS A 213 -18.93 12.19 27.96
C CYS A 213 -18.66 10.69 27.74
N ASP B 1 -7.61 -20.60 -14.77
CA ASP B 1 -7.19 -19.19 -14.75
C ASP B 1 -5.82 -19.02 -14.11
N VAL B 2 -4.93 -18.23 -14.72
CA VAL B 2 -3.57 -18.02 -14.19
C VAL B 2 -3.57 -17.05 -13.00
N GLN B 3 -3.17 -17.57 -11.85
CA GLN B 3 -3.01 -16.85 -10.58
C GLN B 3 -1.57 -17.19 -10.13
N LEU B 4 -0.88 -16.18 -9.66
CA LEU B 4 0.51 -16.26 -9.19
C LEU B 4 0.65 -15.65 -7.82
N VAL B 5 1.16 -16.21 -6.76
CA VAL B 5 1.20 -15.48 -5.48
C VAL B 5 2.46 -15.77 -4.67
N GLU B 6 3.14 -14.67 -4.36
CA GLU B 6 4.40 -14.85 -3.64
C GLU B 6 4.21 -14.67 -2.14
N SER B 7 5.06 -15.29 -1.38
CA SER B 7 5.14 -15.28 0.06
C SER B 7 6.61 -15.26 0.50
N GLY B 8 6.84 -15.20 1.79
CA GLY B 8 8.17 -15.25 2.37
C GLY B 8 8.80 -13.92 2.75
N GLY B 9 8.19 -12.79 2.45
CA GLY B 9 8.72 -11.44 2.76
C GLY B 9 8.66 -11.07 4.25
N GLY B 10 9.25 -9.92 4.59
CA GLY B 10 9.24 -9.50 6.01
C GLY B 10 10.49 -8.66 6.26
N LEU B 11 10.84 -8.45 7.52
CA LEU B 11 12.05 -7.69 7.85
C LEU B 11 13.23 -8.68 7.96
N VAL B 12 14.34 -8.18 7.50
CA VAL B 12 15.65 -8.82 7.47
C VAL B 12 16.74 -7.84 7.88
N GLN B 13 17.77 -8.47 8.43
CA GLN B 13 18.95 -7.69 8.88
C GLN B 13 19.89 -7.47 7.71
N PRO B 14 20.54 -6.33 7.60
CA PRO B 14 21.53 -6.17 6.51
C PRO B 14 22.51 -7.33 6.75
N GLY B 15 23.00 -7.89 5.67
CA GLY B 15 23.94 -9.01 5.68
C GLY B 15 23.21 -10.34 5.69
N GLY B 16 21.97 -10.36 6.10
CA GLY B 16 21.06 -11.49 6.23
C GLY B 16 20.73 -12.31 4.99
N SER B 17 19.67 -13.08 5.08
CA SER B 17 19.16 -14.02 4.07
C SER B 17 17.68 -14.38 4.20
N ARG B 18 16.95 -14.46 3.11
CA ARG B 18 15.52 -14.76 2.97
C ARG B 18 15.14 -15.66 1.81
N LYS B 19 13.98 -16.30 1.84
CA LYS B 19 13.53 -17.17 0.73
C LYS B 19 12.06 -16.87 0.38
N LEU B 20 11.90 -16.26 -0.79
CA LEU B 20 10.61 -15.89 -1.39
C LEU B 20 10.09 -17.11 -2.13
N SER B 21 8.81 -17.12 -2.39
CA SER B 21 8.18 -18.25 -3.09
C SER B 21 7.04 -17.75 -3.98
N CYS B 22 6.63 -18.56 -4.92
CA CYS B 22 5.53 -18.06 -5.81
C CYS B 22 4.73 -19.27 -6.25
N ALA B 23 3.46 -19.22 -5.85
CA ALA B 23 2.63 -20.36 -6.21
C ALA B 23 1.89 -20.11 -7.54
N ALA B 24 2.25 -20.92 -8.53
CA ALA B 24 1.61 -20.84 -9.84
C ALA B 24 0.43 -21.81 -9.85
N SER B 25 -0.69 -21.40 -10.40
CA SER B 25 -1.91 -22.19 -10.54
C SER B 25 -2.66 -21.73 -11.80
N GLY B 26 -3.55 -22.60 -12.19
CA GLY B 26 -4.49 -22.45 -13.29
C GLY B 26 -3.87 -22.42 -14.66
N PHE B 27 -2.64 -22.89 -14.64
CA PHE B 27 -1.84 -22.97 -15.88
C PHE B 27 -0.81 -24.08 -15.66
N THR B 28 -0.29 -24.56 -16.77
CA THR B 28 0.71 -25.65 -16.73
C THR B 28 2.10 -25.17 -16.37
N PHE B 29 2.34 -25.00 -15.07
CA PHE B 29 3.56 -24.45 -14.48
C PHE B 29 4.77 -24.51 -15.41
N SER B 30 5.30 -25.71 -15.43
CA SER B 30 6.43 -26.22 -16.16
C SER B 30 6.48 -26.09 -17.67
N SER B 31 5.65 -25.34 -18.34
CA SER B 31 5.84 -25.17 -19.82
C SER B 31 6.47 -23.79 -20.11
N PHE B 32 6.53 -23.00 -19.03
CA PHE B 32 6.99 -21.65 -18.92
C PHE B 32 8.21 -21.26 -18.11
N GLY B 33 8.87 -20.29 -18.75
CA GLY B 33 10.07 -19.71 -18.09
C GLY B 33 9.34 -18.75 -17.12
N MET B 34 10.00 -18.62 -15.99
CA MET B 34 9.51 -17.75 -14.90
C MET B 34 10.62 -16.73 -14.65
N HIS B 35 10.13 -15.64 -14.07
CA HIS B 35 10.93 -14.49 -13.70
C HIS B 35 10.68 -13.92 -12.31
N TRP B 36 11.72 -13.26 -11.87
CA TRP B 36 11.62 -12.52 -10.58
C TRP B 36 11.82 -11.08 -11.03
N VAL B 37 11.07 -10.15 -10.53
CA VAL B 37 11.21 -8.74 -10.95
C VAL B 37 10.89 -7.94 -9.70
N ARG B 38 11.79 -7.11 -9.23
CA ARG B 38 11.42 -6.38 -8.00
C ARG B 38 11.26 -4.91 -8.37
N GLN B 39 10.64 -4.23 -7.45
CA GLN B 39 10.37 -2.79 -7.64
C GLN B 39 10.53 -2.00 -6.34
N ALA B 40 11.40 -1.00 -6.36
CA ALA B 40 11.66 -0.11 -5.20
C ALA B 40 10.72 1.09 -5.15
N PRO B 41 10.74 1.78 -4.02
CA PRO B 41 9.91 2.94 -3.66
C PRO B 41 9.91 4.12 -4.62
N GLU B 42 10.94 4.09 -5.41
CA GLU B 42 11.25 4.94 -6.51
C GLU B 42 12.18 3.95 -7.32
N LYS B 43 11.42 3.84 -8.37
CA LYS B 43 11.63 3.18 -9.60
C LYS B 43 10.29 2.51 -9.98
N GLY B 44 10.67 1.87 -11.02
CA GLY B 44 10.12 1.01 -12.00
C GLY B 44 10.87 -0.30 -11.75
N LEU B 45 10.26 -1.16 -12.52
CA LEU B 45 10.72 -2.54 -12.47
C LEU B 45 12.21 -2.62 -12.75
N GLU B 46 12.74 -3.63 -12.08
CA GLU B 46 14.13 -4.06 -12.19
C GLU B 46 14.08 -5.59 -12.28
N TRP B 47 14.60 -6.17 -13.34
CA TRP B 47 14.59 -7.65 -13.46
C TRP B 47 15.70 -8.23 -12.58
N VAL B 48 15.42 -9.38 -11.97
CA VAL B 48 16.34 -10.09 -11.06
C VAL B 48 16.91 -11.46 -11.45
N ALA B 49 16.10 -12.35 -12.00
CA ALA B 49 16.42 -13.70 -12.43
C ALA B 49 15.32 -14.27 -13.34
N TYR B 50 15.66 -15.26 -14.10
CA TYR B 50 14.97 -16.10 -15.07
C TYR B 50 15.39 -17.56 -14.85
N ILE B 51 14.50 -18.51 -15.02
CA ILE B 51 14.78 -19.94 -14.88
C ILE B 51 14.01 -20.50 -16.10
N SER B 52 14.74 -21.23 -16.91
CA SER B 52 14.07 -21.84 -18.08
C SER B 52 13.09 -22.88 -17.56
N SER B 53 12.20 -23.36 -18.40
CA SER B 53 11.18 -24.35 -18.06
C SER B 53 11.71 -25.53 -17.22
N GLY B 54 12.89 -26.01 -17.52
CA GLY B 54 13.44 -27.16 -16.80
C GLY B 54 14.65 -26.88 -15.93
N SER B 55 14.87 -25.66 -15.51
CA SER B 55 15.97 -25.24 -14.62
C SER B 55 17.34 -25.35 -15.26
N SER B 56 17.30 -25.77 -16.52
CA SER B 56 18.59 -25.91 -17.24
C SER B 56 19.23 -24.54 -17.43
N THR B 57 18.46 -23.54 -17.83
CA THR B 57 18.98 -22.21 -18.11
C THR B 57 18.37 -21.12 -17.23
N LEU B 58 19.34 -20.46 -16.62
CA LEU B 58 19.12 -19.35 -15.71
C LEU B 58 19.89 -18.08 -16.07
N HIS B 59 19.28 -16.96 -15.71
CA HIS B 59 20.00 -15.69 -15.97
C HIS B 59 19.66 -14.82 -14.74
N TYR B 60 20.65 -14.04 -14.40
CA TYR B 60 20.84 -13.08 -13.36
C TYR B 60 21.23 -11.69 -13.88
N ALA B 61 20.71 -10.74 -13.13
CA ALA B 61 20.98 -9.31 -13.27
C ALA B 61 22.32 -9.19 -12.51
N ASP B 62 23.21 -8.33 -12.91
CA ASP B 62 24.53 -8.06 -12.34
C ASP B 62 24.62 -7.84 -10.83
N THR B 63 23.65 -7.13 -10.33
CA THR B 63 23.40 -6.68 -8.99
C THR B 63 23.22 -7.74 -7.92
N VAL B 64 22.61 -8.82 -8.32
CA VAL B 64 22.19 -9.98 -7.58
C VAL B 64 22.86 -11.31 -7.80
N LYS B 65 23.90 -11.37 -8.62
CA LYS B 65 24.56 -12.68 -8.90
C LYS B 65 25.79 -12.97 -8.04
N GLY B 66 25.65 -14.15 -7.45
CA GLY B 66 26.63 -14.74 -6.54
C GLY B 66 25.98 -14.84 -5.14
N ARG B 67 24.92 -14.10 -4.97
CA ARG B 67 24.02 -13.87 -3.87
C ARG B 67 22.62 -14.44 -3.98
N PHE B 68 21.95 -14.32 -5.10
CA PHE B 68 20.59 -14.86 -5.26
C PHE B 68 20.67 -16.09 -6.20
N THR B 69 19.84 -17.05 -5.86
CA THR B 69 19.74 -18.31 -6.60
C THR B 69 18.29 -18.60 -6.95
N ILE B 70 17.92 -18.64 -8.21
CA ILE B 70 16.50 -18.94 -8.54
C ILE B 70 16.42 -20.46 -8.62
N SER B 71 15.29 -21.05 -8.35
CA SER B 71 15.00 -22.51 -8.35
C SER B 71 13.53 -22.76 -8.66
N ARG B 72 13.12 -24.03 -8.75
CA ARG B 72 11.70 -24.26 -9.07
C ARG B 72 11.36 -25.73 -8.84
N ASP B 73 10.14 -25.89 -8.37
CA ASP B 73 9.62 -27.24 -8.07
C ASP B 73 8.39 -27.32 -8.95
N ASN B 74 8.77 -27.78 -10.14
CA ASN B 74 7.74 -27.95 -11.17
C ASN B 74 6.66 -28.89 -10.60
N PRO B 75 7.12 -30.01 -10.09
CA PRO B 75 6.21 -31.05 -9.55
C PRO B 75 5.07 -30.42 -8.78
N LYS B 76 5.39 -29.65 -7.75
CA LYS B 76 4.43 -28.97 -6.90
C LYS B 76 4.43 -27.47 -7.27
N ASN B 77 4.49 -27.20 -8.56
CA ASN B 77 4.46 -25.89 -9.15
C ASN B 77 4.83 -24.63 -8.38
N THR B 78 6.01 -24.39 -7.88
CA THR B 78 6.26 -23.10 -7.20
C THR B 78 7.64 -22.63 -7.68
N LEU B 79 7.80 -21.33 -7.77
CA LEU B 79 9.12 -20.74 -8.19
C LEU B 79 9.69 -20.23 -6.87
N PHE B 80 11.00 -19.99 -6.84
CA PHE B 80 11.64 -19.54 -5.61
C PHE B 80 12.77 -18.54 -5.89
N LEU B 81 13.14 -17.89 -4.80
CA LEU B 81 14.28 -16.98 -4.89
C LEU B 81 14.94 -17.02 -3.50
N GLN B 82 16.13 -17.59 -3.49
CA GLN B 82 16.98 -17.68 -2.30
C GLN B 82 17.85 -16.41 -2.39
N MET B 83 17.62 -15.45 -1.54
CA MET B 83 18.41 -14.19 -1.51
C MET B 83 19.45 -14.39 -0.40
N THR B 84 20.65 -13.82 -0.49
CA THR B 84 21.65 -14.07 0.54
C THR B 84 22.77 -13.09 0.82
N SER B 85 22.55 -11.84 1.10
CA SER B 85 23.58 -10.87 1.50
C SER B 85 22.75 -9.59 1.66
N LEU B 86 21.49 -9.81 2.07
CA LEU B 86 20.62 -8.61 2.06
C LEU B 86 21.32 -7.35 2.49
N ARG B 87 21.22 -6.44 1.52
CA ARG B 87 21.79 -5.09 1.71
C ARG B 87 20.63 -4.12 1.73
N SER B 88 20.77 -2.91 2.22
CA SER B 88 19.58 -2.05 2.25
C SER B 88 18.97 -1.92 0.86
N GLU B 89 19.75 -1.94 -0.20
CA GLU B 89 19.15 -1.78 -1.53
C GLU B 89 18.41 -2.99 -2.08
N ASP B 90 18.32 -4.06 -1.35
CA ASP B 90 17.59 -5.24 -1.89
C ASP B 90 16.13 -5.06 -1.47
N THR B 91 15.85 -3.97 -0.78
CA THR B 91 14.57 -3.55 -0.22
C THR B 91 13.67 -3.16 -1.41
N GLY B 92 12.66 -3.96 -1.68
CA GLY B 92 11.71 -3.77 -2.78
C GLY B 92 10.50 -4.70 -2.52
N MET B 93 9.65 -4.61 -3.54
CA MET B 93 8.41 -5.35 -3.76
C MET B 93 8.87 -6.41 -4.80
N TYR B 94 8.75 -7.69 -4.46
CA TYR B 94 9.24 -8.69 -5.43
C TYR B 94 8.03 -9.35 -6.08
N TYR B 95 8.18 -9.55 -7.39
CA TYR B 95 7.10 -10.21 -8.10
C TYR B 95 7.85 -11.29 -8.93
N CYS B 96 6.95 -12.18 -9.28
CA CYS B 96 7.22 -13.33 -10.14
C CYS B 96 6.27 -13.03 -11.31
N ALA B 97 6.83 -13.11 -12.51
CA ALA B 97 6.01 -12.87 -13.69
C ALA B 97 6.32 -14.10 -14.57
N ARG B 98 5.40 -14.47 -15.40
CA ARG B 98 5.56 -15.59 -16.34
C ARG B 98 6.06 -15.01 -17.66
N TRP B 99 7.03 -15.67 -18.30
CA TRP B 99 7.53 -15.11 -19.57
C TRP B 99 6.36 -15.24 -20.56
N GLY B 100 6.26 -16.41 -21.17
CA GLY B 100 5.09 -16.45 -22.13
C GLY B 100 5.59 -17.03 -23.43
N ASN B 101 4.63 -17.54 -24.19
CA ASN B 101 5.04 -18.17 -25.49
C ASN B 101 4.70 -17.28 -26.67
N TYR B 102 5.48 -17.35 -27.74
CA TYR B 102 5.27 -16.55 -28.96
C TYR B 102 3.78 -16.53 -29.30
N PRO B 103 3.21 -15.39 -29.69
CA PRO B 103 3.89 -14.10 -29.88
C PRO B 103 4.34 -13.34 -28.65
N TYR B 104 3.71 -13.52 -27.52
CA TYR B 104 4.01 -12.92 -26.23
C TYR B 104 5.39 -13.27 -25.69
N TYR B 105 6.30 -12.39 -25.94
CA TYR B 105 7.71 -12.41 -25.53
C TYR B 105 7.77 -11.14 -24.64
N ALA B 106 6.90 -11.26 -23.67
CA ALA B 106 6.51 -10.34 -22.62
C ALA B 106 6.10 -11.05 -21.33
N MET B 107 6.25 -10.30 -20.26
CA MET B 107 5.91 -10.73 -18.87
C MET B 107 4.37 -10.77 -18.79
N ASP B 108 3.96 -11.88 -19.30
CA ASP B 108 2.67 -12.47 -19.49
C ASP B 108 1.70 -12.21 -18.34
N TYR B 109 2.12 -12.81 -17.22
CA TYR B 109 1.46 -12.85 -15.93
C TYR B 109 2.39 -12.35 -14.82
N TRP B 110 1.76 -11.68 -13.87
CA TRP B 110 2.42 -11.06 -12.72
C TRP B 110 1.79 -11.55 -11.43
N GLY B 111 2.60 -11.65 -10.40
CA GLY B 111 2.06 -12.03 -9.05
C GLY B 111 1.63 -10.67 -8.47
N GLN B 112 1.31 -10.68 -7.20
CA GLN B 112 0.86 -9.55 -6.38
C GLN B 112 2.01 -8.80 -5.69
N GLY B 113 3.09 -9.54 -5.56
CA GLY B 113 4.32 -9.07 -4.92
C GLY B 113 4.30 -9.48 -3.45
N THR B 114 5.52 -9.52 -2.94
CA THR B 114 5.82 -9.84 -1.54
C THR B 114 6.86 -8.80 -1.15
N SER B 115 6.62 -7.91 -0.20
CA SER B 115 7.64 -6.91 0.11
C SER B 115 8.69 -7.49 1.05
N VAL B 116 9.88 -6.99 0.88
CA VAL B 116 11.00 -7.47 1.74
C VAL B 116 11.71 -6.21 2.21
N THR B 117 12.01 -6.02 3.48
CA THR B 117 12.66 -4.79 3.98
C THR B 117 13.91 -5.29 4.68
N VAL B 118 15.03 -4.66 4.34
CA VAL B 118 16.33 -5.08 4.93
C VAL B 118 16.62 -3.87 5.84
N SER B 119 16.64 -4.16 7.13
CA SER B 119 16.88 -3.13 8.17
C SER B 119 17.25 -3.75 9.50
N SER B 120 17.92 -2.95 10.29
CA SER B 120 18.37 -3.21 11.65
C SER B 120 17.19 -3.11 12.63
N ALA B 121 16.26 -2.20 12.33
CA ALA B 121 15.07 -1.95 13.15
C ALA B 121 14.29 -3.20 13.58
N LYS B 122 13.69 -3.05 14.76
CA LYS B 122 12.90 -4.16 15.33
C LYS B 122 11.49 -4.11 14.75
N THR B 123 10.83 -5.27 14.68
CA THR B 123 9.45 -5.23 14.14
C THR B 123 8.48 -4.88 15.26
N THR B 124 7.68 -3.87 15.00
CA THR B 124 6.63 -3.21 15.76
C THR B 124 5.25 -3.23 15.13
N PRO B 125 4.34 -4.03 15.67
CA PRO B 125 2.96 -4.08 15.18
C PRO B 125 2.26 -2.74 15.43
N PRO B 126 1.13 -2.57 14.77
CA PRO B 126 0.32 -1.35 14.89
C PRO B 126 -0.77 -1.41 15.96
N SER B 127 -1.10 -0.23 16.44
CA SER B 127 -2.10 0.17 17.40
C SER B 127 -3.10 0.77 16.39
N VAL B 128 -4.28 0.24 16.40
CA VAL B 128 -5.45 0.55 15.60
C VAL B 128 -6.41 1.33 16.51
N TYR B 129 -6.81 2.47 16.03
CA TYR B 129 -7.68 3.45 16.70
C TYR B 129 -8.85 3.85 15.84
N PRO B 130 -10.05 3.80 16.37
CA PRO B 130 -11.23 4.17 15.59
C PRO B 130 -11.30 5.69 15.40
N LEU B 131 -12.02 6.05 14.35
CA LEU B 131 -12.22 7.51 14.05
C LEU B 131 -13.75 7.49 14.00
N ALA B 132 -14.31 7.89 15.12
CA ALA B 132 -15.80 7.88 15.23
C ALA B 132 -16.25 9.33 15.12
N PRO B 133 -17.29 9.61 14.36
CA PRO B 133 -17.87 10.95 14.17
C PRO B 133 -18.69 11.46 15.38
N GLY B 134 -19.45 10.50 15.84
CA GLY B 134 -20.36 10.27 16.88
C GLY B 134 -21.63 11.02 17.19
N SER B 135 -21.54 12.33 17.20
CA SER B 135 -22.67 13.22 17.53
C SER B 135 -22.35 14.62 17.01
N ALA B 136 -22.74 14.80 15.77
CA ALA B 136 -22.60 16.00 14.94
C ALA B 136 -23.20 15.56 13.58
N ALA B 137 -24.46 15.92 13.42
CA ALA B 137 -25.16 15.60 12.15
C ALA B 137 -24.10 15.98 11.10
N GLN B 138 -23.37 15.00 10.61
CA GLN B 138 -22.30 15.27 9.61
C GLN B 138 -22.73 14.69 8.27
N THR B 139 -23.57 15.42 7.52
CA THR B 139 -23.96 14.74 6.26
C THR B 139 -24.50 15.55 5.10
N ASN B 140 -24.45 14.79 4.00
CA ASN B 140 -24.98 15.08 2.69
C ASN B 140 -26.13 13.98 2.66
N SER B 141 -25.73 12.91 3.32
CA SER B 141 -26.48 11.67 3.49
C SER B 141 -25.47 10.64 4.05
N MET B 142 -24.23 10.97 3.82
CA MET B 142 -22.99 10.30 4.13
C MET B 142 -22.28 10.76 5.41
N VAL B 143 -21.93 9.77 6.19
CA VAL B 143 -21.16 9.87 7.41
C VAL B 143 -19.74 9.45 6.98
N THR B 144 -18.71 9.91 7.66
CA THR B 144 -17.35 9.44 7.24
C THR B 144 -16.65 8.99 8.53
N LEU B 145 -16.38 7.69 8.46
CA LEU B 145 -15.70 6.90 9.52
C LEU B 145 -14.32 6.58 8.97
N GLY B 146 -13.40 6.20 9.83
CA GLY B 146 -12.02 5.87 9.46
C GLY B 146 -11.42 4.92 10.50
N CYS B 147 -10.13 4.74 10.45
CA CYS B 147 -9.25 3.94 11.27
C CYS B 147 -7.86 4.59 11.14
N LEU B 148 -7.16 4.65 12.23
CA LEU B 148 -5.82 5.18 12.48
C LEU B 148 -4.91 3.99 12.78
N VAL B 149 -3.86 3.78 12.05
CA VAL B 149 -2.90 2.68 12.18
C VAL B 149 -1.52 3.36 12.29
N LYS B 150 -1.15 3.56 13.51
CA LYS B 150 -0.01 4.22 14.08
C LYS B 150 0.97 3.26 14.73
N GLY B 151 2.20 3.70 14.88
CA GLY B 151 3.31 3.00 15.47
C GLY B 151 3.96 1.80 14.83
N TYR B 152 3.61 1.44 13.60
CA TYR B 152 4.24 0.28 12.99
C TYR B 152 5.47 0.57 12.13
N PHE B 153 6.09 -0.58 12.00
CA PHE B 153 7.32 -0.74 11.21
C PHE B 153 7.63 -2.23 11.26
N PRO B 154 7.91 -2.84 10.13
CA PRO B 154 8.00 -2.24 8.80
C PRO B 154 6.68 -2.05 8.07
N GLU B 155 6.87 -1.84 6.77
CA GLU B 155 5.80 -1.71 5.77
C GLU B 155 5.72 -3.05 4.98
N PRO B 156 4.50 -3.39 4.60
CA PRO B 156 3.25 -2.64 4.78
C PRO B 156 2.22 -3.16 5.77
N VAL B 157 1.10 -2.46 5.67
CA VAL B 157 -0.13 -2.74 6.42
C VAL B 157 -1.21 -2.62 5.32
N THR B 158 -2.23 -3.42 5.51
CA THR B 158 -3.36 -3.49 4.60
C THR B 158 -4.69 -3.32 5.34
N VAL B 159 -5.39 -2.26 4.99
CA VAL B 159 -6.70 -1.92 5.54
C VAL B 159 -7.77 -2.29 4.52
N THR B 160 -8.81 -2.95 4.98
CA THR B 160 -9.98 -3.35 4.17
C THR B 160 -11.17 -2.99 5.07
N TRP B 161 -12.37 -2.73 4.60
CA TRP B 161 -13.51 -2.38 5.46
C TRP B 161 -14.53 -3.51 5.33
N ASN B 162 -14.87 -4.15 6.43
CA ASN B 162 -15.82 -5.26 6.35
C ASN B 162 -15.25 -6.40 5.51
N SER B 163 -14.03 -6.81 5.78
CA SER B 163 -13.42 -7.92 4.98
C SER B 163 -13.67 -7.63 3.49
N GLY B 164 -13.62 -6.37 3.15
CA GLY B 164 -13.78 -5.79 1.85
C GLY B 164 -15.09 -5.60 1.14
N SER B 165 -16.20 -5.88 1.81
CA SER B 165 -17.53 -5.71 1.18
C SER B 165 -17.92 -4.24 1.08
N LEU B 166 -16.94 -3.40 1.25
CA LEU B 166 -17.04 -1.94 1.22
C LEU B 166 -15.79 -1.46 0.48
N SER B 167 -16.02 -1.25 -0.79
CA SER B 167 -15.09 -0.77 -1.80
C SER B 167 -15.63 0.63 -2.14
N SER B 168 -16.76 0.93 -1.53
CA SER B 168 -17.55 2.15 -1.59
C SER B 168 -16.85 3.50 -1.68
N GLY B 169 -16.43 4.14 -0.61
CA GLY B 169 -15.75 5.45 -0.72
C GLY B 169 -14.48 5.39 0.15
N VAL B 170 -13.76 4.30 0.06
CA VAL B 170 -12.51 3.95 0.78
C VAL B 170 -11.36 4.88 0.41
N HIS B 171 -10.49 5.17 1.35
CA HIS B 171 -9.34 6.03 1.17
C HIS B 171 -8.31 5.60 2.22
N THR B 172 -7.25 5.11 1.63
CA THR B 172 -6.16 4.73 2.54
C THR B 172 -5.15 5.80 2.12
N PHE B 173 -4.47 6.38 3.08
CA PHE B 173 -3.46 7.42 2.92
C PHE B 173 -2.11 6.78 3.26
N PRO B 174 -1.16 6.91 2.37
CA PRO B 174 0.19 6.38 2.51
C PRO B 174 0.77 6.68 3.88
N ALA B 175 1.67 5.82 4.32
CA ALA B 175 2.35 5.96 5.60
C ALA B 175 3.43 7.02 5.66
N VAL B 176 3.51 7.77 6.73
CA VAL B 176 4.57 8.79 6.93
C VAL B 176 5.33 8.24 8.16
N LEU B 177 6.61 8.53 8.26
CA LEU B 177 7.43 8.01 9.38
C LEU B 177 7.56 9.09 10.45
N GLN B 178 7.62 8.71 11.72
CA GLN B 178 7.75 9.74 12.79
C GLN B 178 9.14 9.55 13.40
N SER B 179 9.40 8.32 13.80
CA SER B 179 10.71 7.92 14.38
C SER B 179 10.78 6.40 14.23
N ASP B 180 11.20 5.97 13.05
CA ASP B 180 11.28 4.53 12.75
C ASP B 180 9.87 3.93 12.97
N LEU B 181 8.83 4.70 12.74
CA LEU B 181 7.51 4.00 12.97
C LEU B 181 6.63 4.70 11.96
N TYR B 182 5.88 4.01 11.14
CA TYR B 182 5.00 4.68 10.17
C TYR B 182 3.66 4.85 10.90
N THR B 183 2.78 5.60 10.32
CA THR B 183 1.42 5.79 10.89
C THR B 183 0.66 6.07 9.58
N LEU B 184 -0.49 5.48 9.31
CA LEU B 184 -1.24 5.69 8.07
C LEU B 184 -2.72 5.77 8.42
N SER B 185 -3.57 6.26 7.54
CA SER B 185 -5.01 6.32 7.93
C SER B 185 -5.81 5.65 6.82
N SER B 186 -7.09 5.39 7.07
CA SER B 186 -8.04 4.79 6.16
C SER B 186 -9.43 5.36 6.44
N SER B 187 -10.07 5.91 5.44
CA SER B 187 -11.44 6.44 5.62
C SER B 187 -12.35 5.66 4.66
N VAL B 188 -13.64 5.74 4.86
CA VAL B 188 -14.78 5.13 4.19
C VAL B 188 -15.92 6.05 4.72
N THR B 189 -16.74 6.30 3.73
CA THR B 189 -17.91 7.15 3.93
C THR B 189 -19.08 6.36 3.39
N VAL B 190 -19.95 6.22 4.36
CA VAL B 190 -21.23 5.52 4.28
C VAL B 190 -22.39 6.48 4.52
N PRO B 191 -23.54 6.08 4.01
CA PRO B 191 -24.77 6.84 4.21
C PRO B 191 -25.05 6.81 5.72
N SER B 192 -26.05 7.59 6.02
CA SER B 192 -26.65 7.89 7.31
C SER B 192 -27.31 6.69 7.98
N SER B 193 -28.13 5.97 7.25
CA SER B 193 -28.84 4.75 7.77
C SER B 193 -27.85 3.99 8.65
N PRO B 194 -26.99 3.22 8.01
CA PRO B 194 -25.92 2.43 8.62
C PRO B 194 -24.80 2.83 9.56
N ARG B 195 -24.29 3.96 9.98
CA ARG B 195 -23.10 4.15 10.84
C ARG B 195 -22.94 3.17 12.02
N PRO B 196 -24.06 3.02 12.69
CA PRO B 196 -24.26 2.20 13.89
C PRO B 196 -25.13 0.99 13.58
N SER B 197 -26.18 1.28 12.85
CA SER B 197 -27.17 0.29 12.42
C SER B 197 -26.45 -0.99 11.99
N GLU B 198 -25.61 -0.76 10.98
CA GLU B 198 -24.79 -1.80 10.35
C GLU B 198 -23.41 -1.64 11.00
N THR B 199 -22.77 -2.74 11.25
CA THR B 199 -21.41 -2.52 11.83
C THR B 199 -20.48 -2.23 10.65
N VAL B 200 -19.50 -1.39 10.92
CA VAL B 200 -18.45 -1.02 9.98
C VAL B 200 -17.17 -1.49 10.69
N THR B 201 -16.46 -2.41 10.10
CA THR B 201 -15.22 -2.93 10.68
C THR B 201 -14.07 -2.71 9.68
N CYS B 202 -12.99 -2.24 10.29
CA CYS B 202 -11.79 -2.03 9.41
C CYS B 202 -10.93 -3.25 9.65
N ASN B 203 -10.36 -3.87 8.64
CA ASN B 203 -9.48 -5.06 8.84
C ASN B 203 -8.04 -4.57 8.72
N VAL B 204 -7.14 -4.98 9.58
CA VAL B 204 -5.76 -4.46 9.44
C VAL B 204 -4.77 -5.62 9.47
N ALA B 205 -3.90 -5.68 8.50
CA ALA B 205 -2.89 -6.76 8.46
C ALA B 205 -1.53 -6.08 8.45
N HIS B 206 -0.55 -6.71 9.05
CA HIS B 206 0.85 -6.26 9.18
C HIS B 206 1.65 -7.57 9.26
N PRO B 207 1.94 -8.03 8.04
CA PRO B 207 2.62 -9.31 7.77
C PRO B 207 3.92 -9.56 8.55
N ALA B 208 4.83 -8.60 8.53
CA ALA B 208 6.07 -8.71 9.29
C ALA B 208 5.76 -9.12 10.73
N SER B 209 4.63 -8.78 11.33
CA SER B 209 4.36 -9.17 12.74
C SER B 209 3.15 -10.08 12.83
N SER B 210 2.62 -10.34 11.65
CA SER B 210 1.47 -11.21 11.48
C SER B 210 0.35 -10.83 12.44
N THR B 211 -0.02 -9.59 12.22
CA THR B 211 -1.15 -9.04 12.96
C THR B 211 -2.22 -9.03 11.90
N LYS B 212 -3.38 -9.46 12.22
CA LYS B 212 -4.65 -9.53 11.53
C LYS B 212 -5.61 -9.21 12.72
N VAL B 213 -6.11 -7.99 12.74
CA VAL B 213 -6.97 -7.52 13.85
C VAL B 213 -8.16 -6.73 13.34
N ASP B 214 -9.37 -6.88 13.88
CA ASP B 214 -10.52 -6.10 13.37
C ASP B 214 -10.96 -5.12 14.49
N LYS B 215 -11.19 -3.90 14.01
CA LYS B 215 -11.61 -2.86 14.96
C LYS B 215 -12.99 -2.37 14.56
N LYS B 216 -13.96 -2.83 15.34
CA LYS B 216 -15.36 -2.42 15.11
C LYS B 216 -15.35 -0.93 15.52
N ILE B 217 -16.02 -0.19 14.68
CA ILE B 217 -16.22 1.26 14.74
C ILE B 217 -17.69 1.45 15.17
N VAL B 218 -17.78 1.96 16.37
CA VAL B 218 -19.01 2.26 17.11
C VAL B 218 -19.11 3.76 17.44
N PRO B 219 -20.32 4.28 17.30
CA PRO B 219 -20.59 5.71 17.60
C PRO B 219 -19.88 6.02 18.91
N ARG B 220 -19.18 7.13 19.02
CA ARG B 220 -18.44 7.44 20.27
C ARG B 220 -19.37 8.03 21.34
N ASP B 221 -20.57 7.54 21.22
CA ASP B 221 -21.81 7.81 21.87
C ASP B 221 -21.98 8.14 23.35
N CYS B 222 -21.80 9.44 23.42
CA CYS B 222 -21.89 10.44 24.44
C CYS B 222 -23.30 10.48 25.02
N ALA C 4 15.17 -16.48 15.32
CA ALA C 4 14.33 -17.58 15.85
C ALA C 4 14.48 -17.83 17.34
N VAL C 5 14.01 -16.94 18.19
CA VAL C 5 14.14 -17.04 19.66
C VAL C 5 13.09 -17.84 20.40
N THR C 6 11.83 -17.61 20.14
CA THR C 6 10.63 -18.28 20.64
C THR C 6 9.48 -17.29 20.42
N THR C 7 8.61 -17.77 19.56
CA THR C 7 7.46 -17.02 19.09
C THR C 7 6.14 -17.32 19.78
N TYR C 8 5.71 -16.32 20.55
CA TYR C 8 4.42 -16.42 21.22
C TYR C 8 3.36 -15.70 20.41
N LYS C 9 2.12 -16.01 20.72
CA LYS C 9 1.00 -15.35 20.04
C LYS C 9 -0.10 -15.00 21.05
N LEU C 10 -0.71 -13.86 20.79
CA LEU C 10 -1.79 -13.30 21.55
C LEU C 10 -3.03 -13.27 20.64
N VAL C 11 -4.03 -13.97 21.12
CA VAL C 11 -5.33 -13.95 20.40
C VAL C 11 -6.07 -12.95 21.32
N ILE C 12 -6.80 -12.08 20.63
CA ILE C 12 -7.44 -11.08 21.49
C ILE C 12 -8.88 -10.93 21.03
N ASN C 13 -9.75 -11.15 22.01
CA ASN C 13 -11.15 -10.90 21.71
C ASN C 13 -11.62 -10.00 22.89
N GLY C 14 -11.61 -8.75 22.47
CA GLY C 14 -12.06 -7.58 23.19
C GLY C 14 -13.50 -7.35 22.69
N LYS C 15 -14.05 -6.23 23.09
CA LYS C 15 -15.39 -5.79 22.74
C LYS C 15 -15.37 -5.26 21.29
N THR C 16 -14.25 -4.59 21.00
CA THR C 16 -14.06 -4.00 19.66
C THR C 16 -12.96 -4.65 18.85
N LEU C 17 -11.82 -4.93 19.44
CA LEU C 17 -10.67 -5.51 18.72
C LEU C 17 -10.59 -7.01 18.99
N LYS C 18 -10.82 -7.77 17.93
CA LYS C 18 -10.78 -9.22 17.83
C LYS C 18 -9.63 -9.49 16.84
N GLY C 19 -8.72 -10.41 17.08
CA GLY C 19 -7.64 -10.64 16.09
C GLY C 19 -6.49 -11.36 16.78
N GLU C 20 -5.32 -11.26 16.15
CA GLU C 20 -4.12 -11.90 16.70
C GLU C 20 -2.86 -11.14 16.35
N THR C 21 -1.85 -11.14 17.20
CA THR C 21 -0.57 -10.44 16.92
C THR C 21 0.51 -11.42 17.36
N THR C 22 1.78 -11.09 17.32
CA THR C 22 2.77 -12.08 17.70
C THR C 22 3.99 -11.34 18.25
N THR C 23 4.83 -12.19 18.80
CA THR C 23 6.09 -11.72 19.40
C THR C 23 7.02 -12.91 19.62
N LYS C 24 8.29 -12.62 19.47
CA LYS C 24 9.42 -13.54 19.63
C LYS C 24 10.03 -13.15 20.98
N ALA C 25 10.18 -14.13 21.85
CA ALA C 25 10.71 -13.81 23.18
C ALA C 25 11.57 -14.92 23.77
N VAL C 26 12.13 -14.65 24.94
CA VAL C 26 12.96 -15.59 25.72
C VAL C 26 11.96 -16.37 26.59
N ASP C 27 11.46 -15.74 27.60
CA ASP C 27 10.49 -16.23 28.59
C ASP C 27 9.04 -16.01 28.14
N ALA C 28 8.17 -16.89 28.64
CA ALA C 28 6.73 -16.79 28.33
C ALA C 28 6.17 -15.60 29.11
N GLU C 29 6.94 -15.37 30.15
CA GLU C 29 6.72 -14.33 31.16
C GLU C 29 7.07 -12.95 30.63
N THR C 30 7.90 -13.02 29.61
CA THR C 30 8.44 -11.92 28.83
C THR C 30 7.29 -11.55 27.88
N ALA C 31 6.89 -12.60 27.18
CA ALA C 31 5.80 -12.52 26.20
C ALA C 31 4.60 -11.73 26.72
N GLU C 32 4.04 -11.91 27.92
CA GLU C 32 2.86 -11.09 28.26
C GLU C 32 3.26 -9.70 28.76
N LYS C 33 4.52 -9.52 29.11
CA LYS C 33 4.93 -8.18 29.56
C LYS C 33 4.78 -7.26 28.36
N ALA C 34 5.07 -7.70 27.15
CA ALA C 34 4.95 -6.86 25.94
C ALA C 34 3.55 -6.90 25.33
N PHE C 35 2.89 -7.99 25.65
CA PHE C 35 1.53 -8.29 25.21
C PHE C 35 0.57 -7.38 26.02
N LYS C 36 0.88 -7.28 27.30
CA LYS C 36 0.07 -6.47 28.23
C LYS C 36 0.21 -5.00 27.78
N GLN C 37 1.38 -4.72 27.22
CA GLN C 37 1.67 -3.37 26.71
C GLN C 37 0.91 -3.13 25.39
N TYR C 38 1.01 -4.14 24.55
CA TYR C 38 0.30 -4.10 23.25
C TYR C 38 -1.19 -3.94 23.52
N ALA C 39 -1.81 -4.64 24.45
CA ALA C 39 -3.23 -4.52 24.80
C ALA C 39 -3.68 -3.16 25.37
N ASN C 40 -2.71 -2.54 26.01
CA ASN C 40 -2.75 -1.25 26.68
C ASN C 40 -2.93 -0.16 25.62
N ASP C 41 -2.01 -0.16 24.68
CA ASP C 41 -1.88 0.73 23.53
C ASP C 41 -3.13 0.67 22.64
N ASN C 42 -3.77 -0.50 22.66
CA ASN C 42 -4.96 -0.66 21.79
C ASN C 42 -6.25 -0.51 22.57
N GLY C 43 -6.11 -0.34 23.88
CA GLY C 43 -7.31 -0.18 24.71
C GLY C 43 -8.01 -1.48 25.08
N VAL C 44 -7.21 -2.55 25.15
CA VAL C 44 -7.72 -3.87 25.54
C VAL C 44 -7.36 -4.03 27.06
N ASP C 45 -8.44 -4.41 27.73
CA ASP C 45 -8.48 -4.63 29.17
C ASP C 45 -9.27 -5.90 29.49
N GLY C 46 -8.66 -6.94 30.01
CA GLY C 46 -9.49 -8.10 30.30
C GLY C 46 -8.74 -9.22 30.98
N VAL C 47 -9.34 -10.37 30.82
CA VAL C 47 -8.95 -11.67 31.38
C VAL C 47 -7.88 -12.31 30.51
N TRP C 48 -6.72 -12.35 31.14
CA TRP C 48 -5.50 -12.93 30.61
C TRP C 48 -5.23 -14.40 30.89
N THR C 49 -5.72 -15.36 30.15
CA THR C 49 -5.42 -16.79 30.27
C THR C 49 -4.15 -17.13 29.48
N TYR C 50 -3.86 -18.42 29.39
CA TYR C 50 -2.65 -18.83 28.65
C TYR C 50 -2.46 -20.32 28.39
N ASP C 51 -2.26 -20.66 27.13
CA ASP C 51 -2.05 -22.05 26.64
C ASP C 51 -0.58 -22.24 26.29
N ASP C 52 0.01 -23.20 27.00
CA ASP C 52 1.44 -23.53 26.88
C ASP C 52 1.73 -24.50 25.74
N ALA C 53 0.90 -25.48 25.51
CA ALA C 53 1.17 -26.41 24.37
C ALA C 53 1.23 -25.51 23.13
N THR C 54 0.31 -24.54 23.02
CA THR C 54 0.26 -23.61 21.87
C THR C 54 1.05 -22.31 21.98
N LYS C 55 1.64 -21.97 23.11
CA LYS C 55 2.41 -20.78 23.37
C LYS C 55 1.63 -19.49 23.08
N THR C 56 0.40 -19.49 23.49
CA THR C 56 -0.52 -18.36 23.23
C THR C 56 -1.23 -17.80 24.44
N PHE C 57 -1.20 -16.47 24.58
CA PHE C 57 -1.87 -15.71 25.64
C PHE C 57 -3.23 -15.28 25.05
N THR C 58 -4.27 -15.32 25.85
CA THR C 58 -5.57 -14.85 25.41
C THR C 58 -6.00 -13.66 26.30
N VAL C 59 -6.62 -12.65 25.72
CA VAL C 59 -7.10 -11.45 26.38
C VAL C 59 -8.57 -11.24 25.98
N THR C 60 -9.40 -11.60 26.95
CA THR C 60 -10.87 -11.52 26.72
C THR C 60 -11.54 -10.53 27.64
N GLU C 61 -12.55 -9.90 27.06
CA GLU C 61 -13.46 -8.91 27.61
C GLU C 61 -14.87 -9.52 27.61
#